data_9GUD
#
_entry.id   9GUD
#
_cell.length_a   168.010
_cell.length_b   168.010
_cell.length_c   51.740
_cell.angle_alpha   90.000
_cell.angle_beta   90.000
_cell.angle_gamma   120.000
#
_symmetry.space_group_name_H-M   'P 31 2 1'
#
loop_
_entity.id
_entity.type
_entity.pdbx_description
1 polymer "2'-O-methyltransferase nsp16"
2 polymer 'Non-structural protein 10'
3 non-polymer 1,2-ETHANEDIOL
4 non-polymer '2-(N-MORPHOLINO)-ETHANESULFONIC ACID'
5 non-polymer '(3~{S})-3-azanyl-4-[(3~{R},4~{R},6~{S})-3-[1,3-dimethyl-2,6-bis(oxidanylidene)purin-7-yl]-4-methyl-4,6-bis(oxidanyl)azepan-1-yl]-4-oxidanylidene-butanoic acid'
6 non-polymer S-ADENOSYLMETHIONINE
7 non-polymer 'CHLORIDE ION'
8 non-polymer 'ZINC ION'
9 water water
#
loop_
_entity_poly.entity_id
_entity_poly.type
_entity_poly.pdbx_seq_one_letter_code
_entity_poly.pdbx_strand_id
1 'polypeptide(L)'
;SSQAWQPGVAMPNLYKMQRMLLEKCDLQNYGDSATLPKGIMMNVAKYTQLCQYLNTLTLAVPYNMRVIHFGAGSDKGVAP
GTAVLRQWLPTGTLLVDSDLNDFVSDADSTLIGDCATVHTANKWDLIISDMYDPKTKNVTKENDSKEGFFTYICGFIQQK
LALGGSVAIKITEHSWNADLYKLMGHFAWWTAFVTNVNASSSEAFLIGCNYLGKPREQIDGYVMHANYIFWRNTNPIQLS
SYSLFDMSKFPLKLRGTAVMSLKEGQINDMILSLLSKGRLIIRENNRVVISSDVLVNNENLYFQ
;
A
2 'polypeptide(L)'
;GAGNATEVPANSTVLSFCAFAVDAAKAYKDYLASGGQPITNCVKMLCTHTGTGQAITVTPEANMDQESFGGASCCLYCRC
HIDHPNPKGFCDLKGKYVQIPTTCANDPVGFTLKNTVCTVCGMWKGYGCSCDQLREPMLQ
;
B
#
loop_
_chem_comp.id
_chem_comp.type
_chem_comp.name
_chem_comp.formula
A1IO1 non-polymer '(3~{S})-3-azanyl-4-[(3~{R},4~{R},6~{S})-3-[1,3-dimethyl-2,6-bis(oxidanylidene)purin-7-yl]-4-methyl-4,6-bis(oxidanyl)azepan-1-yl]-4-oxidanylidene-butanoic acid' 'C18 H26 N6 O7'
CL non-polymer 'CHLORIDE ION' 'Cl -1'
EDO non-polymer 1,2-ETHANEDIOL 'C2 H6 O2'
MES non-polymer '2-(N-MORPHOLINO)-ETHANESULFONIC ACID' 'C6 H13 N O4 S'
SAM non-polymer S-ADENOSYLMETHIONINE 'C15 H22 N6 O5 S'
ZN non-polymer 'ZINC ION' 'Zn 2'
#
# COMPACT_ATOMS: atom_id res chain seq x y z
N SER A 1 -27.00 -3.34 -2.03
CA SER A 1 -27.40 -3.35 -3.44
C SER A 1 -26.31 -2.74 -4.31
N SER A 2 -26.24 -1.40 -4.29
CA SER A 2 -25.21 -0.67 -5.01
C SER A 2 -23.83 -0.91 -4.43
N GLN A 3 -23.76 -1.70 -3.36
CA GLN A 3 -22.48 -2.03 -2.74
C GLN A 3 -21.50 -2.60 -3.74
N ALA A 4 -21.98 -3.34 -4.74
CA ALA A 4 -21.10 -3.98 -5.70
C ALA A 4 -20.30 -2.97 -6.52
N TRP A 5 -20.76 -1.73 -6.62
CA TRP A 5 -20.07 -0.70 -7.38
C TRP A 5 -19.21 0.21 -6.51
N GLN A 6 -19.23 0.01 -5.20
CA GLN A 6 -18.29 0.67 -4.31
C GLN A 6 -16.98 -0.10 -4.29
N PRO A 7 -15.89 0.53 -3.84
CA PRO A 7 -14.63 -0.22 -3.68
C PRO A 7 -14.71 -1.28 -2.59
N GLY A 8 -15.61 -1.11 -1.64
CA GLY A 8 -15.78 -2.09 -0.59
C GLY A 8 -16.91 -1.66 0.33
N VAL A 9 -16.93 -2.24 1.52
CA VAL A 9 -17.96 -1.95 2.51
C VAL A 9 -17.30 -1.64 3.83
N ALA A 10 -17.73 -0.55 4.48
CA ALA A 10 -17.25 -0.17 5.79
C ALA A 10 -18.24 -0.62 6.86
N MET A 11 -17.71 -0.93 8.03
CA MET A 11 -18.51 -1.40 9.15
C MET A 11 -19.53 -0.33 9.55
N PRO A 12 -20.83 -0.60 9.46
CA PRO A 12 -21.80 0.44 9.81
C PRO A 12 -21.75 0.82 11.27
N ASN A 13 -22.08 2.09 11.54
CA ASN A 13 -21.89 2.64 12.87
C ASN A 13 -22.67 1.86 13.93
N LEU A 14 -23.88 1.40 13.61
CA LEU A 14 -24.68 0.72 14.61
C LEU A 14 -24.00 -0.56 15.10
N TYR A 15 -23.23 -1.21 14.22
CA TYR A 15 -22.50 -2.40 14.65
C TYR A 15 -21.35 -2.05 15.60
N LYS A 16 -20.77 -0.86 15.43
CA LYS A 16 -19.73 -0.43 16.36
C LYS A 16 -20.28 -0.25 17.77
N MET A 17 -21.57 0.03 17.89
CA MET A 17 -22.18 0.39 19.17
C MET A 17 -22.71 -0.81 19.94
N GLN A 18 -22.50 -2.03 19.46
CA GLN A 18 -23.02 -3.22 20.11
C GLN A 18 -22.05 -3.72 21.18
N ARG A 19 -22.47 -4.76 21.91
N ARG A 19 -22.49 -4.73 21.92
CA ARG A 19 -21.66 -5.38 22.95
CA ARG A 19 -21.68 -5.39 22.95
C ARG A 19 -21.68 -6.90 22.75
C ARG A 19 -21.74 -6.90 22.72
N MET A 20 -21.26 -7.32 21.56
CA MET A 20 -21.32 -8.73 21.19
C MET A 20 -20.23 -9.52 21.88
N LEU A 21 -20.41 -10.84 21.91
CA LEU A 21 -19.38 -11.78 22.33
C LEU A 21 -18.72 -12.38 21.10
N LEU A 22 -17.43 -12.66 21.22
CA LEU A 22 -16.67 -13.12 20.07
C LEU A 22 -17.12 -14.51 19.66
N GLU A 23 -17.44 -14.67 18.38
CA GLU A 23 -17.79 -15.96 17.81
C GLU A 23 -16.83 -16.30 16.68
N LYS A 24 -16.92 -17.53 16.22
CA LYS A 24 -16.19 -17.95 15.02
C LYS A 24 -16.75 -17.24 13.81
N CYS A 25 -15.86 -16.85 12.89
CA CYS A 25 -16.27 -16.13 11.68
C CYS A 25 -16.66 -17.16 10.61
N ASP A 26 -17.89 -17.07 10.13
CA ASP A 26 -18.42 -17.99 9.14
C ASP A 26 -18.99 -17.15 7.99
N LEU A 27 -18.22 -17.01 6.93
CA LEU A 27 -18.59 -16.19 5.78
C LEU A 27 -19.32 -17.03 4.75
N GLN A 28 -20.47 -16.52 4.29
CA GLN A 28 -21.31 -17.26 3.35
C GLN A 28 -20.54 -17.60 2.07
N ASN A 29 -19.77 -16.66 1.53
CA ASN A 29 -19.05 -16.86 0.28
C ASN A 29 -17.58 -17.18 0.49
N TYR A 30 -17.24 -17.83 1.59
CA TYR A 30 -15.87 -18.28 1.80
C TYR A 30 -15.43 -19.16 0.63
N GLY A 31 -14.20 -18.95 0.17
CA GLY A 31 -13.62 -19.71 -0.91
C GLY A 31 -13.85 -19.13 -2.29
N ASP A 32 -14.93 -18.37 -2.47
CA ASP A 32 -15.19 -17.76 -3.76
C ASP A 32 -14.19 -16.66 -4.05
N SER A 33 -14.01 -16.35 -5.32
CA SER A 33 -13.08 -15.32 -5.76
C SER A 33 -13.77 -14.38 -6.75
N ALA A 34 -13.43 -13.11 -6.68
CA ALA A 34 -13.89 -12.15 -7.67
C ALA A 34 -13.11 -12.33 -8.97
N THR A 35 -13.72 -11.91 -10.07
N THR A 35 -13.73 -11.91 -10.07
CA THR A 35 -13.08 -12.01 -11.39
CA THR A 35 -13.11 -11.97 -11.39
C THR A 35 -12.26 -10.75 -11.60
C THR A 35 -12.25 -10.71 -11.57
N LEU A 36 -10.95 -10.86 -11.41
CA LEU A 36 -10.07 -9.72 -11.57
C LEU A 36 -9.88 -9.38 -13.04
N PRO A 37 -9.63 -8.11 -13.36
CA PRO A 37 -9.27 -7.77 -14.74
C PRO A 37 -8.10 -8.61 -15.21
N LYS A 38 -8.02 -8.83 -16.52
CA LYS A 38 -6.99 -9.70 -17.09
C LYS A 38 -5.61 -9.32 -16.59
N GLY A 39 -4.95 -10.26 -15.90
CA GLY A 39 -3.57 -10.09 -15.52
C GLY A 39 -3.31 -9.19 -14.33
N ILE A 40 -4.32 -8.91 -13.52
CA ILE A 40 -4.19 -8.06 -12.35
C ILE A 40 -4.04 -8.94 -11.12
N MET A 41 -3.06 -8.63 -10.28
CA MET A 41 -2.87 -9.37 -9.05
C MET A 41 -3.96 -9.03 -8.03
N MET A 42 -4.22 -9.97 -7.13
CA MET A 42 -5.13 -9.70 -6.03
C MET A 42 -4.68 -8.49 -5.22
N ASN A 43 -3.37 -8.37 -4.97
CA ASN A 43 -2.89 -7.32 -4.08
C ASN A 43 -2.96 -5.94 -4.73
N VAL A 44 -2.74 -5.86 -6.04
CA VAL A 44 -3.00 -4.59 -6.74
C VAL A 44 -4.46 -4.21 -6.61
N ALA A 45 -5.36 -5.17 -6.88
CA ALA A 45 -6.79 -4.89 -6.78
C ALA A 45 -7.19 -4.54 -5.36
N LYS A 46 -6.63 -5.25 -4.37
CA LYS A 46 -6.94 -4.96 -2.98
C LYS A 46 -6.53 -3.55 -2.60
N TYR A 47 -5.26 -3.20 -2.85
CA TYR A 47 -4.77 -1.88 -2.49
C TYR A 47 -5.49 -0.78 -3.27
N THR A 48 -5.85 -1.05 -4.52
CA THR A 48 -6.56 -0.05 -5.31
C THR A 48 -7.89 0.30 -4.67
N GLN A 49 -8.65 -0.71 -4.24
CA GLN A 49 -9.94 -0.43 -3.61
C GLN A 49 -9.76 0.18 -2.23
N LEU A 50 -8.70 -0.19 -1.51
CA LEU A 50 -8.40 0.49 -0.25
C LEU A 50 -8.21 1.98 -0.49
N CYS A 51 -7.41 2.34 -1.49
CA CYS A 51 -7.15 3.74 -1.77
C CYS A 51 -8.41 4.44 -2.27
N GLN A 52 -9.22 3.74 -3.07
CA GLN A 52 -10.48 4.34 -3.53
C GLN A 52 -11.37 4.69 -2.35
N TYR A 53 -11.42 3.81 -1.33
CA TYR A 53 -12.20 4.13 -0.15
C TYR A 53 -11.58 5.28 0.63
N LEU A 54 -10.25 5.27 0.77
CA LEU A 54 -9.58 6.35 1.48
C LEU A 54 -9.83 7.70 0.81
N ASN A 55 -10.13 7.71 -0.49
CA ASN A 55 -10.43 8.95 -1.18
C ASN A 55 -11.73 9.58 -0.69
N THR A 56 -12.60 8.83 -0.03
CA THR A 56 -13.87 9.34 0.47
C THR A 56 -13.78 9.88 1.89
N LEU A 57 -12.61 9.82 2.51
CA LEU A 57 -12.42 10.30 3.88
C LEU A 57 -11.70 11.64 3.86
N THR A 58 -11.54 12.23 5.04
CA THR A 58 -10.93 13.55 5.19
C THR A 58 -9.46 13.42 5.56
N LEU A 59 -8.70 12.82 4.64
CA LEU A 59 -7.27 12.65 4.86
C LEU A 59 -6.54 13.99 4.70
N ALA A 60 -5.60 14.25 5.59
CA ALA A 60 -4.69 15.36 5.42
C ALA A 60 -3.65 15.00 4.36
N VAL A 61 -3.47 15.88 3.39
CA VAL A 61 -2.53 15.64 2.29
C VAL A 61 -1.61 16.85 2.17
N PRO A 62 -0.60 16.97 3.03
CA PRO A 62 0.28 18.15 2.98
C PRO A 62 1.30 18.03 1.86
N TYR A 63 1.92 19.17 1.55
CA TYR A 63 3.11 19.16 0.72
C TYR A 63 4.20 18.38 1.45
N ASN A 64 5.01 17.65 0.68
CA ASN A 64 6.06 16.80 1.26
C ASN A 64 5.46 15.81 2.25
N MET A 65 4.38 15.15 1.81
CA MET A 65 3.72 14.14 2.63
C MET A 65 4.67 12.98 2.91
N ARG A 66 4.48 12.35 4.08
CA ARG A 66 5.31 11.24 4.52
C ARG A 66 4.42 10.04 4.78
N VAL A 67 4.71 8.93 4.11
CA VAL A 67 3.92 7.70 4.23
C VAL A 67 4.88 6.54 4.44
N ILE A 68 4.55 5.67 5.39
CA ILE A 68 5.33 4.47 5.68
C ILE A 68 4.41 3.26 5.55
N HIS A 69 4.94 2.18 4.98
CA HIS A 69 4.15 1.03 4.55
C HIS A 69 4.80 -0.24 5.10
N PHE A 70 4.22 -0.82 6.15
CA PHE A 70 4.75 -2.03 6.75
C PHE A 70 4.13 -3.27 6.11
N GLY A 71 4.90 -4.36 6.11
CA GLY A 71 4.44 -5.59 5.48
C GLY A 71 4.25 -5.43 3.99
N ALA A 72 5.23 -4.84 3.30
CA ALA A 72 5.08 -4.45 1.90
C ALA A 72 5.58 -5.49 0.92
N GLY A 73 6.28 -6.53 1.38
CA GLY A 73 6.83 -7.53 0.49
C GLY A 73 5.84 -8.68 0.28
N SER A 74 5.81 -9.16 -0.96
CA SER A 74 5.05 -10.36 -1.31
C SER A 74 5.97 -11.57 -1.34
N ASP A 75 5.36 -12.75 -1.40
CA ASP A 75 6.15 -13.95 -1.62
C ASP A 75 6.71 -14.03 -3.03
N LYS A 76 6.37 -13.07 -3.90
CA LYS A 76 6.93 -12.98 -5.24
C LYS A 76 8.18 -12.12 -5.30
N GLY A 77 8.58 -11.52 -4.18
CA GLY A 77 9.77 -10.69 -4.15
C GLY A 77 9.57 -9.26 -4.62
N VAL A 78 8.33 -8.85 -4.85
CA VAL A 78 8.04 -7.49 -5.30
C VAL A 78 7.04 -6.87 -4.31
N ALA A 79 6.64 -5.62 -4.58
CA ALA A 79 5.81 -4.86 -3.65
C ALA A 79 4.60 -4.31 -4.41
N PRO A 80 3.60 -5.14 -4.68
CA PRO A 80 2.40 -4.63 -5.37
C PRO A 80 1.72 -3.49 -4.63
N GLY A 81 1.50 -3.65 -3.33
CA GLY A 81 0.84 -2.61 -2.57
C GLY A 81 1.56 -1.28 -2.63
N THR A 82 2.89 -1.31 -2.46
CA THR A 82 3.67 -0.08 -2.55
C THR A 82 3.47 0.60 -3.90
N ALA A 83 3.41 -0.19 -4.97
CA ALA A 83 3.24 0.39 -6.31
C ALA A 83 1.91 1.13 -6.42
N VAL A 84 0.85 0.58 -5.81
CA VAL A 84 -0.44 1.26 -5.85
C VAL A 84 -0.41 2.53 -4.99
N LEU A 85 0.18 2.43 -3.80
CA LEU A 85 0.28 3.60 -2.93
C LEU A 85 1.01 4.74 -3.63
N ARG A 86 2.12 4.44 -4.29
CA ARG A 86 2.88 5.48 -4.99
C ARG A 86 2.07 6.05 -6.15
N GLN A 87 1.32 5.21 -6.86
CA GLN A 87 0.41 5.71 -7.89
C GLN A 87 -0.64 6.62 -7.27
N TRP A 88 -1.20 6.21 -6.12
CA TRP A 88 -2.27 6.95 -5.48
C TRP A 88 -1.78 8.25 -4.89
N LEU A 89 -0.65 8.22 -4.17
CA LEU A 89 -0.17 9.40 -3.49
C LEU A 89 0.32 10.44 -4.49
N PRO A 90 0.31 11.72 -4.13
CA PRO A 90 0.83 12.75 -5.03
C PRO A 90 2.28 12.50 -5.37
N THR A 91 2.65 12.85 -6.59
CA THR A 91 4.05 12.72 -7.01
C THR A 91 4.94 13.53 -6.08
N GLY A 92 6.04 12.92 -5.65
CA GLY A 92 6.95 13.53 -4.71
C GLY A 92 6.73 13.11 -3.27
N THR A 93 5.64 12.42 -2.96
CA THR A 93 5.40 11.97 -1.61
C THR A 93 6.47 11.00 -1.17
N LEU A 94 7.04 11.25 0.01
CA LEU A 94 8.04 10.35 0.57
C LEU A 94 7.37 9.05 1.00
N LEU A 95 7.82 7.94 0.43
CA LEU A 95 7.20 6.64 0.67
C LEU A 95 8.29 5.66 1.11
N VAL A 96 8.20 5.21 2.36
CA VAL A 96 9.06 4.18 2.91
C VAL A 96 8.24 2.93 3.10
N ASP A 97 8.84 1.77 2.81
CA ASP A 97 8.17 0.50 3.05
C ASP A 97 9.15 -0.47 3.70
N SER A 98 8.61 -1.55 4.24
CA SER A 98 9.37 -2.46 5.07
C SER A 98 8.72 -3.84 5.03
N ASP A 99 9.55 -4.87 5.21
CA ASP A 99 9.05 -6.22 5.40
C ASP A 99 10.16 -7.08 5.98
N LEU A 100 9.76 -8.26 6.46
CA LEU A 100 10.70 -9.16 7.11
C LEU A 100 11.74 -9.69 6.12
N ASN A 101 11.31 -10.04 4.92
CA ASN A 101 12.18 -10.66 3.93
C ASN A 101 12.45 -9.69 2.77
N ASP A 102 13.53 -9.96 2.06
CA ASP A 102 13.97 -9.06 1.00
C ASP A 102 12.97 -9.01 -0.14
N PHE A 103 12.81 -7.82 -0.71
CA PHE A 103 11.95 -7.61 -1.87
C PHE A 103 12.40 -6.34 -2.57
N VAL A 104 12.08 -6.25 -3.86
CA VAL A 104 12.37 -5.07 -4.66
C VAL A 104 11.13 -4.20 -4.67
N SER A 105 11.32 -2.89 -4.58
CA SER A 105 10.21 -1.98 -4.34
C SER A 105 10.42 -0.67 -5.08
N ASP A 106 9.32 0.03 -5.32
CA ASP A 106 9.33 1.38 -5.87
C ASP A 106 9.36 2.44 -4.80
N ALA A 107 9.36 2.05 -3.52
CA ALA A 107 9.43 3.03 -2.44
C ALA A 107 10.75 3.78 -2.48
N ASP A 108 10.72 5.02 -1.97
CA ASP A 108 11.94 5.82 -1.93
C ASP A 108 13.01 5.17 -1.06
N SER A 109 12.60 4.40 -0.05
CA SER A 109 13.54 3.69 0.81
C SER A 109 12.84 2.45 1.36
N THR A 110 13.60 1.37 1.48
CA THR A 110 13.07 0.07 1.90
C THR A 110 13.94 -0.50 3.02
N LEU A 111 13.31 -0.90 4.11
CA LEU A 111 13.99 -1.49 5.26
C LEU A 111 13.57 -2.94 5.39
N ILE A 112 14.55 -3.84 5.46
CA ILE A 112 14.31 -5.28 5.56
C ILE A 112 14.61 -5.72 6.98
N GLY A 113 13.70 -6.51 7.55
CA GLY A 113 13.84 -6.98 8.91
C GLY A 113 12.53 -6.93 9.67
N ASP A 114 12.53 -7.45 10.90
CA ASP A 114 11.33 -7.36 11.72
C ASP A 114 11.00 -5.90 11.99
N CYS A 115 9.70 -5.57 11.97
CA CYS A 115 9.28 -4.19 12.12
C CYS A 115 9.75 -3.58 13.43
N ALA A 116 10.03 -4.40 14.44
CA ALA A 116 10.55 -3.87 15.70
C ALA A 116 11.94 -3.27 15.54
N THR A 117 12.67 -3.62 14.49
CA THR A 117 13.98 -3.06 14.23
C THR A 117 13.91 -1.71 13.51
N VAL A 118 12.72 -1.27 13.10
CA VAL A 118 12.58 -0.05 12.33
C VAL A 118 12.46 1.14 13.29
N HIS A 119 13.26 2.17 13.05
CA HIS A 119 13.22 3.40 13.81
C HIS A 119 13.28 4.57 12.85
N THR A 120 12.60 5.65 13.22
CA THR A 120 12.56 6.86 12.41
C THR A 120 12.63 8.08 13.31
N ALA A 121 13.40 9.08 12.88
CA ALA A 121 13.48 10.32 13.65
C ALA A 121 12.20 11.12 13.56
N ASN A 122 11.53 11.06 12.41
CA ASN A 122 10.43 11.95 12.09
C ASN A 122 9.08 11.29 12.31
N LYS A 123 8.03 12.10 12.21
CA LYS A 123 6.66 11.63 12.29
C LYS A 123 6.09 11.49 10.88
N TRP A 124 4.94 10.82 10.78
CA TRP A 124 4.39 10.41 9.51
C TRP A 124 2.94 10.87 9.39
N ASP A 125 2.53 11.11 8.15
CA ASP A 125 1.17 11.54 7.85
C ASP A 125 0.23 10.39 7.56
N LEU A 126 0.75 9.22 7.22
CA LEU A 126 -0.08 8.08 6.86
C LEU A 126 0.72 6.80 7.09
N ILE A 127 0.14 5.87 7.83
CA ILE A 127 0.76 4.56 8.08
C ILE A 127 -0.13 3.48 7.48
N ILE A 128 0.46 2.65 6.63
CA ILE A 128 -0.23 1.51 6.02
C ILE A 128 0.48 0.25 6.49
N SER A 129 -0.29 -0.73 6.94
CA SER A 129 0.26 -2.01 7.36
C SER A 129 -0.55 -3.14 6.74
N ASP A 130 0.12 -4.01 5.99
CA ASP A 130 -0.43 -5.28 5.56
C ASP A 130 0.26 -6.45 6.25
N MET A 131 0.90 -6.20 7.40
CA MET A 131 1.59 -7.26 8.11
C MET A 131 0.59 -8.32 8.56
N TYR A 132 0.99 -9.58 8.41
CA TYR A 132 0.10 -10.71 8.65
C TYR A 132 0.93 -11.99 8.71
N ASP A 133 0.62 -12.84 9.68
CA ASP A 133 1.23 -14.16 9.78
C ASP A 133 0.15 -15.21 9.55
N PRO A 134 0.15 -15.93 8.42
CA PRO A 134 -0.97 -16.84 8.14
C PRO A 134 -1.08 -18.00 9.11
N LYS A 135 -0.08 -18.21 9.96
CA LYS A 135 -0.18 -19.24 10.98
C LYS A 135 -1.12 -18.87 12.12
N THR A 136 -1.74 -17.70 12.06
CA THR A 136 -2.79 -17.35 13.00
C THR A 136 -4.14 -17.95 12.62
N LYS A 137 -4.26 -18.49 11.41
CA LYS A 137 -5.50 -19.12 10.95
C LYS A 137 -5.72 -20.51 11.53
N ASN A 138 -5.40 -20.71 12.81
CA ASN A 138 -5.62 -21.98 13.48
C ASN A 138 -6.99 -21.95 14.16
N VAL A 139 -7.94 -22.68 13.58
CA VAL A 139 -9.31 -22.68 14.10
C VAL A 139 -9.44 -23.53 15.37
N THR A 140 -8.47 -24.39 15.67
CA THR A 140 -8.59 -25.31 16.78
C THR A 140 -8.19 -24.70 18.13
N LYS A 141 -7.67 -23.47 18.14
CA LYS A 141 -7.23 -22.83 19.37
C LYS A 141 -7.98 -21.52 19.57
N GLU A 142 -8.17 -21.17 20.85
CA GLU A 142 -8.92 -19.97 21.19
C GLU A 142 -8.33 -18.75 20.49
N ASN A 143 -9.19 -17.76 20.26
CA ASN A 143 -8.86 -16.58 19.47
C ASN A 143 -8.73 -15.39 20.41
N ASP A 144 -7.51 -15.16 20.90
CA ASP A 144 -7.22 -14.06 21.82
C ASP A 144 -6.53 -12.92 21.09
N SER A 145 -6.56 -11.74 21.72
CA SER A 145 -5.84 -10.59 21.18
C SER A 145 -4.37 -10.94 20.98
N LYS A 146 -3.86 -10.60 19.80
CA LYS A 146 -2.49 -10.93 19.43
C LYS A 146 -1.56 -9.74 19.69
N GLU A 147 -0.29 -10.05 19.92
CA GLU A 147 0.71 -9.03 20.22
C GLU A 147 1.67 -8.91 19.04
N GLY A 148 2.92 -9.35 19.21
CA GLY A 148 3.86 -9.35 18.10
C GLY A 148 3.94 -7.99 17.42
N PHE A 149 3.72 -7.97 16.11
CA PHE A 149 3.86 -6.72 15.36
C PHE A 149 2.74 -5.73 15.70
N PHE A 150 1.63 -6.20 16.28
CA PHE A 150 0.59 -5.26 16.69
C PHE A 150 1.06 -4.36 17.83
N THR A 151 1.84 -4.91 18.76
CA THR A 151 2.40 -4.10 19.84
C THR A 151 3.29 -3.00 19.29
N TYR A 152 4.13 -3.34 18.30
CA TYR A 152 4.95 -2.33 17.65
C TYR A 152 4.08 -1.27 16.99
N ILE A 153 3.07 -1.70 16.24
CA ILE A 153 2.24 -0.76 15.48
C ILE A 153 1.55 0.23 16.42
N CYS A 154 1.03 -0.27 17.55
CA CYS A 154 0.34 0.61 18.49
C CYS A 154 1.30 1.67 19.03
N GLY A 155 2.51 1.25 19.41
CA GLY A 155 3.49 2.21 19.89
C GLY A 155 3.96 3.15 18.80
N PHE A 156 4.17 2.64 17.58
CA PHE A 156 4.60 3.48 16.49
C PHE A 156 3.58 4.58 16.20
N ILE A 157 2.29 4.24 16.30
CA ILE A 157 1.25 5.24 16.06
C ILE A 157 1.31 6.33 17.12
N GLN A 158 1.35 5.94 18.40
CA GLN A 158 1.34 6.92 19.47
C GLN A 158 2.59 7.78 19.48
N GLN A 159 3.71 7.26 18.98
CA GLN A 159 4.98 7.96 19.04
C GLN A 159 5.34 8.70 17.75
N LYS A 160 4.94 8.18 16.59
N LYS A 160 4.94 8.18 16.59
CA LYS A 160 5.44 8.68 15.32
CA LYS A 160 5.44 8.68 15.32
C LYS A 160 4.35 9.01 14.31
C LYS A 160 4.35 9.01 14.31
N LEU A 161 3.08 9.04 14.72
CA LEU A 161 2.00 9.48 13.85
C LEU A 161 1.71 10.95 14.13
N ALA A 162 1.86 11.79 13.12
CA ALA A 162 1.53 13.19 13.27
C ALA A 162 0.07 13.36 13.61
N LEU A 163 -0.24 14.34 14.47
CA LEU A 163 -1.63 14.70 14.70
C LEU A 163 -2.27 15.10 13.38
N GLY A 164 -3.49 14.62 13.14
CA GLY A 164 -4.14 14.77 11.87
C GLY A 164 -3.85 13.67 10.88
N GLY A 165 -2.85 12.84 11.13
CA GLY A 165 -2.54 11.74 10.25
C GLY A 165 -3.54 10.60 10.36
N SER A 166 -3.37 9.62 9.49
CA SER A 166 -4.32 8.51 9.38
C SER A 166 -3.56 7.20 9.27
N VAL A 167 -4.26 6.10 9.55
CA VAL A 167 -3.68 4.76 9.47
C VAL A 167 -4.68 3.82 8.82
N ALA A 168 -4.13 2.76 8.22
CA ALA A 168 -4.93 1.65 7.71
C ALA A 168 -4.16 0.37 8.00
N ILE A 169 -4.66 -0.42 8.94
CA ILE A 169 -3.95 -1.59 9.46
C ILE A 169 -4.77 -2.83 9.12
N LYS A 170 -4.13 -3.79 8.46
CA LYS A 170 -4.82 -5.02 8.09
C LYS A 170 -5.05 -5.92 9.29
N ILE A 171 -6.28 -6.42 9.42
CA ILE A 171 -6.63 -7.38 10.45
C ILE A 171 -7.39 -8.53 9.78
N THR A 172 -7.54 -9.62 10.52
CA THR A 172 -8.39 -10.73 10.13
C THR A 172 -9.16 -11.18 11.37
N GLU A 173 -9.88 -12.29 11.23
CA GLU A 173 -10.56 -12.87 12.38
C GLU A 173 -9.58 -13.13 13.51
N HIS A 174 -8.44 -13.75 13.19
CA HIS A 174 -7.47 -14.15 14.20
C HIS A 174 -6.29 -13.19 14.32
N SER A 175 -6.01 -12.39 13.29
CA SER A 175 -4.93 -11.41 13.34
C SER A 175 -5.54 -10.07 13.73
N TRP A 176 -5.55 -9.78 15.03
CA TRP A 176 -6.14 -8.56 15.56
C TRP A 176 -5.51 -8.28 16.91
N ASN A 177 -5.79 -7.09 17.43
CA ASN A 177 -5.22 -6.65 18.71
C ASN A 177 -6.18 -5.69 19.37
N ALA A 178 -6.44 -5.90 20.66
CA ALA A 178 -7.43 -5.11 21.37
C ALA A 178 -6.98 -3.65 21.53
N ASP A 179 -5.70 -3.44 21.82
CA ASP A 179 -5.21 -2.08 22.00
C ASP A 179 -5.33 -1.27 20.72
N LEU A 180 -5.18 -1.91 19.56
CA LEU A 180 -5.32 -1.18 18.30
C LEU A 180 -6.75 -0.70 18.11
N TYR A 181 -7.73 -1.57 18.38
CA TYR A 181 -9.13 -1.12 18.38
C TYR A 181 -9.30 0.06 19.34
N LYS A 182 -8.76 -0.06 20.54
CA LYS A 182 -8.85 1.04 21.51
C LYS A 182 -8.20 2.30 20.95
N LEU A 183 -7.09 2.14 20.23
CA LEU A 183 -6.41 3.29 19.65
C LEU A 183 -7.26 3.97 18.59
N MET A 184 -8.15 3.23 17.92
CA MET A 184 -9.05 3.84 16.96
C MET A 184 -9.86 4.97 17.59
N GLY A 185 -10.16 4.85 18.89
CA GLY A 185 -10.87 5.90 19.58
C GLY A 185 -10.08 7.18 19.77
N HIS A 186 -8.79 7.17 19.43
CA HIS A 186 -7.96 8.36 19.49
C HIS A 186 -7.92 9.11 18.18
N PHE A 187 -8.76 8.73 17.21
CA PHE A 187 -8.92 9.43 15.95
C PHE A 187 -10.28 10.11 15.92
N ALA A 188 -10.41 11.10 15.04
CA ALA A 188 -11.71 11.77 14.90
C ALA A 188 -12.77 10.84 14.33
N TRP A 189 -12.35 9.81 13.60
CA TRP A 189 -13.28 8.84 13.04
C TRP A 189 -12.50 7.56 12.76
N TRP A 190 -13.24 6.45 12.69
CA TRP A 190 -12.62 5.15 12.45
C TRP A 190 -13.65 4.21 11.83
N THR A 191 -13.15 3.12 11.27
CA THR A 191 -14.01 2.07 10.72
C THR A 191 -13.15 0.86 10.41
N ALA A 192 -13.82 -0.24 10.09
CA ALA A 192 -13.20 -1.43 9.54
C ALA A 192 -13.71 -1.60 8.12
N PHE A 193 -12.80 -1.54 7.14
CA PHE A 193 -13.17 -1.53 5.73
C PHE A 193 -12.81 -2.87 5.10
N VAL A 194 -13.76 -3.43 4.35
CA VAL A 194 -13.59 -4.70 3.65
C VAL A 194 -13.62 -4.42 2.16
N THR A 195 -12.55 -4.80 1.45
CA THR A 195 -12.51 -4.62 0.01
C THR A 195 -13.45 -5.60 -0.68
N ASN A 196 -14.08 -5.14 -1.76
CA ASN A 196 -15.03 -5.99 -2.48
C ASN A 196 -14.33 -7.15 -3.17
N VAL A 197 -13.05 -6.99 -3.55
CA VAL A 197 -12.35 -8.08 -4.23
C VAL A 197 -12.05 -9.21 -3.27
N ASN A 198 -11.87 -8.91 -1.98
CA ASN A 198 -11.52 -9.90 -0.97
C ASN A 198 -12.64 -10.04 0.06
N ALA A 199 -13.88 -9.86 -0.37
CA ALA A 199 -15.01 -9.89 0.55
C ALA A 199 -15.27 -11.27 1.13
N SER A 200 -14.74 -12.33 0.50
CA SER A 200 -14.90 -13.68 1.02
C SER A 200 -13.95 -13.98 2.16
N SER A 201 -13.13 -13.02 2.57
CA SER A 201 -12.15 -13.19 3.62
C SER A 201 -12.53 -12.35 4.83
N SER A 202 -12.21 -12.86 6.03
CA SER A 202 -12.43 -12.09 7.23
C SER A 202 -11.50 -10.90 7.34
N GLU A 203 -10.60 -10.72 6.38
CA GLU A 203 -9.72 -9.55 6.35
C GLU A 203 -10.54 -8.27 6.40
N ALA A 204 -9.98 -7.27 7.08
CA ALA A 204 -10.45 -5.89 6.98
C ALA A 204 -9.26 -4.98 7.24
N PHE A 205 -9.40 -3.72 6.84
CA PHE A 205 -8.41 -2.69 7.14
C PHE A 205 -8.98 -1.77 8.20
N LEU A 206 -8.42 -1.83 9.40
N LEU A 206 -8.35 -1.74 9.37
CA LEU A 206 -8.80 -0.90 10.45
CA LEU A 206 -8.80 -0.90 10.47
C LEU A 206 -8.25 0.48 10.11
C LEU A 206 -8.26 0.51 10.26
N ILE A 207 -9.15 1.43 9.86
CA ILE A 207 -8.77 2.76 9.41
C ILE A 207 -9.06 3.76 10.51
N GLY A 208 -8.02 4.49 10.93
CA GLY A 208 -8.18 5.63 11.82
C GLY A 208 -7.97 6.92 11.06
N CYS A 209 -8.96 7.81 11.11
CA CYS A 209 -8.98 8.99 10.25
C CYS A 209 -8.75 10.24 11.10
N ASN A 210 -7.63 10.92 10.85
CA ASN A 210 -7.25 12.14 11.55
C ASN A 210 -6.95 11.87 13.03
N TYR A 211 -5.67 11.71 13.34
CA TYR A 211 -5.21 11.36 14.68
C TYR A 211 -5.27 12.57 15.60
N LEU A 212 -5.78 12.36 16.82
CA LEU A 212 -5.92 13.42 17.80
C LEU A 212 -4.99 13.27 19.01
N GLY A 213 -4.30 12.14 19.14
CA GLY A 213 -3.34 11.97 20.22
C GLY A 213 -3.92 11.83 21.61
N LYS A 214 -5.25 11.73 21.73
CA LYS A 214 -5.91 11.55 23.01
C LYS A 214 -7.21 10.81 22.77
N PRO A 215 -7.72 10.09 23.77
CA PRO A 215 -8.98 9.37 23.57
C PRO A 215 -10.14 10.33 23.35
N ARG A 216 -10.73 10.27 22.15
CA ARG A 216 -11.99 10.96 21.91
C ARG A 216 -13.16 10.15 22.45
N GLU A 217 -13.11 8.83 22.27
CA GLU A 217 -14.09 7.91 22.82
C GLU A 217 -13.38 6.68 23.35
N GLN A 218 -13.95 6.07 24.38
CA GLN A 218 -13.38 4.88 24.99
C GLN A 218 -13.91 3.64 24.27
N ILE A 219 -12.99 2.82 23.77
CA ILE A 219 -13.35 1.62 23.02
C ILE A 219 -12.72 0.40 23.70
N ASP A 220 -13.56 -0.58 24.02
CA ASP A 220 -13.08 -1.88 24.46
C ASP A 220 -12.75 -2.71 23.23
N GLY A 221 -11.47 -3.04 23.06
CA GLY A 221 -11.03 -3.68 21.83
C GLY A 221 -11.51 -5.11 21.67
N TYR A 222 -11.66 -5.82 22.78
CA TYR A 222 -12.17 -7.19 22.71
C TYR A 222 -13.63 -7.20 22.27
N VAL A 223 -14.43 -6.25 22.78
CA VAL A 223 -15.82 -6.16 22.36
C VAL A 223 -15.91 -5.70 20.91
N MET A 224 -15.06 -4.75 20.51
CA MET A 224 -15.18 -4.17 19.18
C MET A 224 -14.81 -5.19 18.10
N HIS A 225 -13.81 -6.04 18.36
CA HIS A 225 -13.51 -7.10 17.41
C HIS A 225 -14.66 -8.08 17.32
N ALA A 226 -15.29 -8.40 18.46
CA ALA A 226 -16.48 -9.22 18.43
C ALA A 226 -17.61 -8.54 17.66
N ASN A 227 -17.76 -7.22 17.85
CA ASN A 227 -18.69 -6.47 17.02
C ASN A 227 -18.36 -6.62 15.54
N TYR A 228 -17.08 -6.55 15.19
CA TYR A 228 -16.69 -6.64 13.79
C TYR A 228 -17.03 -8.01 13.22
N ILE A 229 -16.71 -9.08 13.95
CA ILE A 229 -17.00 -10.42 13.46
C ILE A 229 -18.51 -10.63 13.34
N PHE A 230 -19.27 -10.06 14.28
CA PHE A 230 -20.72 -10.17 14.20
C PHE A 230 -21.24 -9.52 12.91
N TRP A 231 -20.75 -8.31 12.62
CA TRP A 231 -21.10 -7.66 11.36
C TRP A 231 -20.77 -8.55 10.17
N ARG A 232 -19.52 -9.02 10.10
CA ARG A 232 -19.11 -9.89 9.01
C ARG A 232 -19.99 -11.15 8.96
N ASN A 233 -20.32 -11.71 10.11
CA ASN A 233 -21.03 -12.98 10.13
C ASN A 233 -22.46 -12.85 9.62
N THR A 234 -23.08 -11.68 9.80
CA THR A 234 -24.48 -11.49 9.48
C THR A 234 -24.70 -10.61 8.25
N ASN A 235 -23.64 -10.19 7.57
CA ASN A 235 -23.76 -9.31 6.41
C ASN A 235 -22.86 -9.81 5.30
N PRO A 236 -23.34 -10.78 4.52
CA PRO A 236 -22.56 -11.25 3.36
C PRO A 236 -22.28 -10.11 2.41
N ILE A 237 -21.03 -10.01 1.95
CA ILE A 237 -20.60 -8.99 1.02
C ILE A 237 -20.35 -9.65 -0.33
N GLN A 238 -21.00 -9.14 -1.37
CA GLN A 238 -20.88 -9.70 -2.71
C GLN A 238 -19.52 -9.35 -3.30
N LEU A 239 -18.73 -10.37 -3.58
CA LEU A 239 -17.45 -10.16 -4.27
C LEU A 239 -17.67 -9.32 -5.53
N SER A 240 -16.82 -8.33 -5.72
CA SER A 240 -16.99 -7.44 -6.86
C SER A 240 -15.67 -6.77 -7.21
N SER A 241 -15.38 -6.72 -8.51
N SER A 241 -15.38 -6.72 -8.51
CA SER A 241 -14.23 -6.00 -9.04
CA SER A 241 -14.23 -6.00 -9.04
C SER A 241 -14.66 -4.78 -9.83
C SER A 241 -14.66 -4.77 -9.84
N TYR A 242 -15.93 -4.37 -9.72
CA TYR A 242 -16.46 -3.32 -10.58
C TYR A 242 -15.65 -2.03 -10.49
N SER A 243 -15.31 -1.61 -9.27
CA SER A 243 -14.67 -0.31 -9.10
C SER A 243 -13.27 -0.25 -9.69
N LEU A 244 -12.65 -1.41 -9.98
CA LEU A 244 -11.31 -1.40 -10.55
C LEU A 244 -11.29 -0.84 -11.98
N PHE A 245 -12.44 -0.79 -12.64
CA PHE A 245 -12.48 -0.37 -14.04
C PHE A 245 -12.64 1.13 -14.23
N ASP A 246 -12.92 1.88 -13.17
CA ASP A 246 -13.02 3.34 -13.23
C ASP A 246 -11.91 3.92 -12.35
N MET A 247 -10.83 4.36 -12.99
CA MET A 247 -9.68 4.94 -12.31
C MET A 247 -9.55 6.44 -12.56
N SER A 248 -10.56 7.06 -13.17
CA SER A 248 -10.43 8.46 -13.58
C SER A 248 -10.24 9.39 -12.38
N LYS A 249 -10.85 9.06 -11.24
CA LYS A 249 -10.76 9.88 -10.04
C LYS A 249 -9.88 9.26 -8.96
N PHE A 250 -8.94 8.39 -9.37
CA PHE A 250 -8.17 7.62 -8.39
C PHE A 250 -7.15 8.47 -7.66
N PRO A 251 -6.38 9.34 -8.30
CA PRO A 251 -5.29 10.03 -7.62
C PRO A 251 -5.78 10.76 -6.37
N LEU A 252 -4.99 10.66 -5.30
CA LEU A 252 -5.28 11.38 -4.08
C LEU A 252 -5.06 12.87 -4.31
N LYS A 253 -5.99 13.67 -3.81
CA LYS A 253 -5.97 15.09 -4.11
C LYS A 253 -4.95 15.80 -3.23
N LEU A 254 -4.02 16.51 -3.86
CA LEU A 254 -3.02 17.27 -3.11
C LEU A 254 -3.72 18.46 -2.48
N ARG A 255 -4.24 18.27 -1.28
CA ARG A 255 -4.97 19.32 -0.58
C ARG A 255 -4.06 20.40 -0.03
N GLY A 256 -2.74 20.23 -0.11
CA GLY A 256 -1.82 21.22 0.43
C GLY A 256 -2.05 21.49 1.91
N THR A 257 -2.57 20.50 2.64
CA THR A 257 -2.86 20.68 4.06
C THR A 257 -1.70 21.34 4.78
N ALA A 258 -2.03 22.23 5.71
CA ALA A 258 -1.02 22.99 6.42
C ALA A 258 -0.33 22.12 7.45
N VAL A 259 0.97 22.35 7.63
CA VAL A 259 1.77 21.67 8.63
C VAL A 259 2.31 22.70 9.62
N MET A 260 2.08 22.48 10.90
CA MET A 260 2.59 23.33 11.96
C MET A 260 3.32 22.49 12.99
N SER A 261 4.33 23.08 13.61
CA SER A 261 4.92 22.52 14.82
C SER A 261 4.23 23.13 16.03
N LEU A 262 3.67 22.28 16.88
CA LEU A 262 2.97 22.76 18.06
C LEU A 262 3.30 21.90 19.27
N LYS A 263 3.03 22.46 20.45
CA LYS A 263 3.41 21.89 21.72
C LYS A 263 2.13 21.60 22.49
N GLU A 264 2.16 20.53 23.29
CA GLU A 264 0.94 20.00 23.89
C GLU A 264 0.07 21.10 24.51
N GLY A 265 0.69 22.16 25.03
CA GLY A 265 -0.08 23.23 25.62
C GLY A 265 -0.89 24.01 24.61
N GLN A 266 -0.42 24.10 23.37
CA GLN A 266 -1.08 24.90 22.35
C GLN A 266 -2.22 24.18 21.63
N ILE A 267 -2.43 22.89 21.90
CA ILE A 267 -3.47 22.14 21.22
C ILE A 267 -4.81 22.43 21.89
N ASN A 268 -5.52 23.42 21.39
CA ASN A 268 -6.81 23.81 21.92
C ASN A 268 -7.92 23.14 21.11
N ASP A 269 -9.16 23.60 21.31
CA ASP A 269 -10.29 23.03 20.58
C ASP A 269 -10.37 23.55 19.15
N MET A 270 -9.93 24.79 18.91
CA MET A 270 -9.80 25.27 17.54
C MET A 270 -8.86 24.37 16.74
N ILE A 271 -7.71 24.03 17.32
CA ILE A 271 -6.77 23.13 16.66
C ILE A 271 -7.40 21.75 16.52
N LEU A 272 -7.87 21.17 17.62
CA LEU A 272 -8.50 19.86 17.57
C LEU A 272 -9.63 19.82 16.56
N SER A 273 -10.35 20.92 16.40
CA SER A 273 -11.41 20.98 15.39
C SER A 273 -10.82 20.91 13.99
N LEU A 274 -9.74 21.64 13.73
CA LEU A 274 -9.09 21.59 12.43
C LEU A 274 -8.51 20.22 12.16
N LEU A 275 -7.85 19.63 13.15
CA LEU A 275 -7.34 18.27 13.01
C LEU A 275 -8.46 17.31 12.63
N SER A 276 -9.60 17.42 13.31
N SER A 276 -9.60 17.42 13.31
CA SER A 276 -10.70 16.49 13.08
CA SER A 276 -10.69 16.48 13.07
C SER A 276 -11.27 16.58 11.67
C SER A 276 -11.30 16.60 11.69
N LYS A 277 -11.06 17.70 10.99
CA LYS A 277 -11.62 17.93 9.66
C LYS A 277 -10.61 17.65 8.54
N GLY A 278 -9.46 17.08 8.87
CA GLY A 278 -8.45 16.85 7.85
C GLY A 278 -7.85 18.11 7.29
N ARG A 279 -7.81 19.18 8.07
N ARG A 279 -7.80 19.18 8.08
CA ARG A 279 -7.33 20.48 7.63
CA ARG A 279 -7.30 20.47 7.61
C ARG A 279 -5.99 20.88 8.25
C ARG A 279 -6.02 20.91 8.31
N LEU A 280 -5.40 20.02 9.09
CA LEU A 280 -4.17 20.38 9.78
C LEU A 280 -3.36 19.13 10.09
N ILE A 281 -2.04 19.25 9.93
CA ILE A 281 -1.07 18.26 10.36
C ILE A 281 -0.12 18.95 11.34
N ILE A 282 0.20 18.28 12.44
CA ILE A 282 1.08 18.83 13.46
C ILE A 282 2.28 17.90 13.60
N ARG A 283 3.45 18.38 13.19
CA ARG A 283 4.72 17.67 13.30
C ARG A 283 5.80 18.65 12.84
N GLU A 284 7.05 18.31 13.11
CA GLU A 284 8.13 19.05 12.47
C GLU A 284 8.20 18.67 11.00
N ASN A 285 8.76 19.57 10.20
CA ASN A 285 8.93 19.34 8.77
C ASN A 285 10.42 19.23 8.42
N ASN A 286 11.19 18.60 9.32
CA ASN A 286 12.61 18.41 9.10
C ASN A 286 12.82 17.35 8.02
N ARG A 287 14.07 16.90 7.88
CA ARG A 287 14.41 15.83 6.96
C ARG A 287 13.94 14.49 7.52
N VAL A 288 13.68 13.56 6.61
CA VAL A 288 13.21 12.23 6.98
C VAL A 288 14.40 11.29 7.06
N VAL A 289 14.65 10.75 8.24
CA VAL A 289 15.77 9.85 8.49
C VAL A 289 15.24 8.60 9.16
N ILE A 290 15.65 7.43 8.65
CA ILE A 290 15.18 6.14 9.12
C ILE A 290 16.38 5.22 9.30
N SER A 291 16.16 4.12 10.02
CA SER A 291 17.23 3.15 10.21
C SER A 291 16.66 1.82 10.65
N SER A 292 17.44 0.78 10.45
CA SER A 292 17.09 -0.59 10.82
C SER A 292 18.14 -1.13 11.78
N ASP A 293 17.71 -1.49 12.99
CA ASP A 293 18.62 -2.10 13.94
C ASP A 293 19.14 -3.43 13.38
N VAL A 294 20.44 -3.66 13.55
CA VAL A 294 21.09 -4.86 13.06
C VAL A 294 21.79 -5.54 14.22
N LEU A 295 21.42 -6.79 14.48
CA LEU A 295 22.09 -7.59 15.50
C LEU A 295 23.39 -8.14 14.94
N VAL A 296 24.46 -8.03 15.71
CA VAL A 296 25.80 -8.43 15.29
C VAL A 296 26.19 -9.70 16.03
N ASN A 297 26.70 -10.69 15.29
CA ASN A 297 27.08 -11.97 15.87
C ASN A 297 28.26 -12.53 15.09
N ASN A 298 29.21 -13.12 15.80
CA ASN A 298 30.34 -13.83 15.20
C ASN A 298 30.20 -15.31 15.57
N GLU A 299 29.87 -16.13 14.59
CA GLU A 299 29.55 -17.53 14.82
C GLU A 299 30.74 -18.47 14.60
N ASN A 300 31.95 -17.93 14.55
CA ASN A 300 33.13 -18.76 14.32
C ASN A 300 33.59 -19.42 15.62
N LEU A 301 34.01 -20.68 15.51
CA LEU A 301 34.36 -21.49 16.67
C LEU A 301 33.21 -21.46 17.68
N ALA B 19 38.66 -6.79 -14.96
CA ALA B 19 38.08 -6.73 -16.30
C ALA B 19 36.87 -7.64 -16.42
N PHE B 20 36.58 -8.41 -15.37
CA PHE B 20 35.43 -9.30 -15.37
C PHE B 20 34.24 -8.61 -14.74
N ALA B 21 33.19 -8.42 -15.53
CA ALA B 21 31.88 -8.03 -15.02
C ALA B 21 30.83 -8.96 -15.62
N VAL B 22 30.01 -9.57 -14.77
CA VAL B 22 28.90 -10.38 -15.27
C VAL B 22 28.02 -9.52 -16.16
N ASP B 23 27.54 -10.10 -17.25
CA ASP B 23 26.69 -9.41 -18.22
C ASP B 23 25.31 -10.06 -18.15
N ALA B 24 24.45 -9.52 -17.28
CA ALA B 24 23.13 -10.09 -17.09
C ALA B 24 22.23 -9.82 -18.27
N ALA B 25 22.32 -8.63 -18.87
CA ALA B 25 21.51 -8.31 -20.03
C ALA B 25 21.68 -9.34 -21.14
N LYS B 26 22.93 -9.68 -21.45
CA LYS B 26 23.18 -10.71 -22.45
C LYS B 26 22.68 -12.07 -21.99
N ALA B 27 22.79 -12.35 -20.69
CA ALA B 27 22.35 -13.65 -20.18
C ALA B 27 20.85 -13.83 -20.35
N TYR B 28 20.07 -12.79 -20.05
CA TYR B 28 18.62 -12.89 -20.21
C TYR B 28 18.24 -12.98 -21.69
N LYS B 29 18.94 -12.22 -22.54
CA LYS B 29 18.65 -12.27 -23.98
C LYS B 29 18.88 -13.67 -24.53
N ASP B 30 19.99 -14.31 -24.15
CA ASP B 30 20.25 -15.67 -24.60
C ASP B 30 19.24 -16.65 -24.01
N TYR B 31 18.98 -16.52 -22.70
CA TYR B 31 17.97 -17.37 -22.07
C TYR B 31 16.63 -17.26 -22.78
N LEU B 32 16.25 -16.05 -23.18
CA LEU B 32 15.02 -15.87 -23.94
C LEU B 32 15.12 -16.53 -25.31
N ALA B 33 16.20 -16.24 -26.04
CA ALA B 33 16.37 -16.80 -27.38
C ALA B 33 16.26 -18.33 -27.36
N SER B 34 16.81 -18.96 -26.33
CA SER B 34 16.80 -20.41 -26.22
C SER B 34 15.49 -20.95 -25.65
N GLY B 35 14.47 -20.10 -25.50
CA GLY B 35 13.14 -20.55 -25.13
C GLY B 35 12.81 -20.52 -23.66
N GLY B 36 13.49 -19.68 -22.87
CA GLY B 36 13.19 -19.60 -21.45
C GLY B 36 11.97 -18.75 -21.16
N GLN B 37 11.27 -19.12 -20.09
CA GLN B 37 10.08 -18.36 -19.69
C GLN B 37 10.49 -16.96 -19.23
N PRO B 38 9.87 -15.91 -19.74
CA PRO B 38 10.23 -14.57 -19.28
C PRO B 38 9.96 -14.38 -17.79
N ILE B 39 10.67 -13.41 -17.20
CA ILE B 39 10.47 -13.09 -15.80
C ILE B 39 9.02 -12.71 -15.58
N THR B 40 8.41 -13.29 -14.54
CA THR B 40 7.00 -13.06 -14.25
C THR B 40 6.86 -12.14 -13.04
N ASN B 41 5.61 -11.91 -12.63
CA ASN B 41 5.27 -11.15 -11.44
C ASN B 41 5.70 -9.68 -11.54
N CYS B 42 5.82 -9.17 -12.76
CA CYS B 42 5.89 -7.73 -12.95
C CYS B 42 4.55 -7.11 -12.54
N VAL B 43 4.61 -6.05 -11.75
CA VAL B 43 3.43 -5.50 -11.10
C VAL B 43 2.68 -4.64 -12.11
N LYS B 44 1.56 -5.14 -12.60
CA LYS B 44 0.73 -4.39 -13.55
C LYS B 44 -0.28 -3.55 -12.77
N MET B 45 -0.42 -2.29 -13.17
CA MET B 45 -1.24 -1.32 -12.48
C MET B 45 -2.62 -1.20 -13.15
N LEU B 46 -3.61 -0.87 -12.34
CA LEU B 46 -4.89 -0.43 -12.87
C LEU B 46 -4.81 1.05 -13.24
N CYS B 47 -5.31 1.40 -14.41
CA CYS B 47 -5.27 2.76 -14.91
C CYS B 47 -6.38 2.94 -15.92
N THR B 48 -6.52 4.18 -16.41
CA THR B 48 -7.57 4.50 -17.36
C THR B 48 -7.23 4.05 -18.78
N HIS B 49 -5.95 3.92 -19.10
CA HIS B 49 -5.51 3.62 -20.47
C HIS B 49 -5.90 4.74 -21.42
N THR B 50 -5.96 5.96 -20.90
CA THR B 50 -6.14 7.18 -21.70
C THR B 50 -4.99 8.15 -21.44
N GLY B 51 -3.81 7.62 -21.10
CA GLY B 51 -2.67 8.43 -20.76
C GLY B 51 -1.81 8.79 -21.96
N THR B 52 -0.69 9.45 -21.67
CA THR B 52 0.13 10.05 -22.71
C THR B 52 0.84 9.02 -23.59
N GLY B 53 1.01 7.80 -23.09
CA GLY B 53 1.72 6.78 -23.84
C GLY B 53 3.23 6.82 -23.73
N GLN B 54 3.78 7.79 -23.00
CA GLN B 54 5.22 7.87 -22.85
C GLN B 54 5.75 6.61 -22.18
N ALA B 55 7.06 6.40 -22.31
CA ALA B 55 7.66 5.12 -21.93
C ALA B 55 7.78 4.98 -20.41
N ILE B 56 8.38 5.96 -19.75
CA ILE B 56 8.64 5.89 -18.31
C ILE B 56 8.14 7.19 -17.69
N THR B 57 7.22 7.06 -16.71
CA THR B 57 6.52 8.20 -16.18
C THR B 57 6.39 8.07 -14.67
N VAL B 58 6.12 9.21 -14.02
CA VAL B 58 5.99 9.24 -12.57
C VAL B 58 4.68 8.65 -12.08
N THR B 59 3.72 8.44 -12.98
CA THR B 59 2.43 7.84 -12.66
C THR B 59 1.98 7.08 -13.89
N PRO B 60 1.18 6.02 -13.73
CA PRO B 60 0.77 5.24 -14.90
C PRO B 60 0.22 6.11 -16.02
N GLU B 61 0.72 5.88 -17.24
CA GLU B 61 0.36 6.68 -18.40
C GLU B 61 0.03 5.82 -19.61
N ALA B 62 -0.34 4.56 -19.41
CA ALA B 62 -0.69 3.69 -20.52
C ALA B 62 -1.81 4.32 -21.36
N ASN B 63 -1.69 4.15 -22.67
CA ASN B 63 -2.77 4.50 -23.59
C ASN B 63 -3.55 3.23 -23.90
N MET B 64 -4.41 3.30 -24.92
CA MET B 64 -5.26 2.15 -25.21
C MET B 64 -4.47 0.90 -25.59
N ASP B 65 -3.24 1.07 -26.09
CA ASP B 65 -2.45 -0.03 -26.62
C ASP B 65 -1.31 -0.45 -25.69
N GLN B 66 -1.35 -0.03 -24.43
CA GLN B 66 -0.27 -0.30 -23.50
C GLN B 66 -0.82 -0.82 -22.17
N GLU B 67 0.07 -1.43 -21.40
CA GLU B 67 -0.14 -1.74 -20.00
C GLU B 67 0.91 -1.00 -19.18
N SER B 68 0.51 -0.58 -17.98
CA SER B 68 1.39 0.15 -17.08
C SER B 68 1.85 -0.76 -15.96
N PHE B 69 3.14 -0.73 -15.67
CA PHE B 69 3.75 -1.57 -14.65
C PHE B 69 4.53 -0.72 -13.66
N GLY B 70 4.63 -1.21 -12.43
CA GLY B 70 5.58 -0.66 -11.49
C GLY B 70 7.00 -0.83 -12.01
N GLY B 71 7.80 0.23 -11.95
CA GLY B 71 9.08 0.21 -12.63
C GLY B 71 10.05 -0.82 -12.08
N ALA B 72 10.23 -0.84 -10.76
CA ALA B 72 11.22 -1.73 -10.16
C ALA B 72 10.99 -3.18 -10.56
N SER B 73 9.73 -3.61 -10.59
CA SER B 73 9.42 -4.99 -10.94
C SER B 73 9.74 -5.32 -12.39
N CYS B 74 9.98 -4.32 -13.23
CA CYS B 74 10.30 -4.53 -14.64
C CYS B 74 11.77 -4.30 -14.95
N CYS B 75 12.60 -4.05 -13.94
CA CYS B 75 14.03 -3.81 -14.12
C CYS B 75 14.78 -5.11 -13.89
N LEU B 76 15.53 -5.55 -14.91
CA LEU B 76 16.31 -6.78 -14.78
C LEU B 76 17.24 -6.71 -13.57
N TYR B 77 17.87 -5.55 -13.35
CA TYR B 77 18.87 -5.44 -12.30
C TYR B 77 18.23 -5.44 -10.92
N CYS B 78 17.14 -4.70 -10.75
CA CYS B 78 16.38 -4.78 -9.51
C CYS B 78 15.95 -6.21 -9.24
N ARG B 79 15.35 -6.87 -10.24
CA ARG B 79 14.75 -8.18 -10.02
C ARG B 79 15.79 -9.25 -9.70
N CYS B 80 17.00 -9.12 -10.25
CA CYS B 80 18.03 -10.14 -10.07
C CYS B 80 18.98 -9.83 -8.91
N HIS B 81 18.80 -8.69 -8.25
CA HIS B 81 19.67 -8.30 -7.13
C HIS B 81 21.12 -8.13 -7.58
N ILE B 82 21.30 -7.38 -8.68
CA ILE B 82 22.63 -7.13 -9.21
C ILE B 82 22.76 -5.64 -9.51
N ASP B 83 24.01 -5.18 -9.55
CA ASP B 83 24.29 -3.76 -9.66
C ASP B 83 23.74 -3.21 -10.98
N HIS B 84 23.40 -1.93 -10.97
CA HIS B 84 22.90 -1.33 -12.20
C HIS B 84 24.06 -0.86 -13.08
N PRO B 85 23.94 -0.99 -14.40
CA PRO B 85 25.06 -0.61 -15.27
C PRO B 85 25.45 0.85 -15.14
N ASN B 86 24.52 1.72 -14.73
CA ASN B 86 24.89 3.09 -14.45
C ASN B 86 26.09 3.13 -13.52
N PRO B 87 27.14 3.88 -13.85
CA PRO B 87 28.27 3.97 -12.92
C PRO B 87 27.86 4.42 -11.53
N LYS B 88 26.83 5.27 -11.43
CA LYS B 88 26.29 5.67 -10.14
C LYS B 88 25.39 4.61 -9.51
N GLY B 89 25.09 3.52 -10.23
CA GLY B 89 24.16 2.52 -9.74
C GLY B 89 22.70 2.93 -9.79
N PHE B 90 22.40 4.09 -10.35
CA PHE B 90 21.04 4.61 -10.38
C PHE B 90 20.17 3.82 -11.35
N CYS B 91 18.90 3.67 -10.98
CA CYS B 91 17.94 2.87 -11.74
C CYS B 91 17.00 3.79 -12.50
N ASP B 92 16.81 3.50 -13.79
CA ASP B 92 15.92 4.29 -14.62
C ASP B 92 14.45 4.02 -14.34
N LEU B 93 14.12 2.87 -13.76
CA LEU B 93 12.75 2.41 -13.62
C LEU B 93 12.21 2.47 -12.20
N LYS B 94 13.05 2.16 -11.22
CA LYS B 94 12.61 2.13 -9.83
C LYS B 94 11.95 3.43 -9.43
N GLY B 95 10.80 3.32 -8.75
CA GLY B 95 10.06 4.48 -8.30
C GLY B 95 9.20 5.14 -9.35
N LYS B 96 9.20 4.63 -10.58
CA LYS B 96 8.40 5.18 -11.67
C LYS B 96 7.49 4.09 -12.22
N TYR B 97 6.85 4.39 -13.35
CA TYR B 97 5.96 3.45 -14.02
C TYR B 97 6.33 3.37 -15.49
N VAL B 98 6.42 2.15 -16.00
CA VAL B 98 6.86 1.88 -17.36
C VAL B 98 5.67 1.39 -18.16
N GLN B 99 5.44 2.00 -19.32
CA GLN B 99 4.37 1.61 -20.22
C GLN B 99 4.93 0.59 -21.22
N ILE B 100 4.30 -0.57 -21.29
CA ILE B 100 4.71 -1.65 -22.19
C ILE B 100 3.62 -1.83 -23.24
N PRO B 101 3.97 -1.94 -24.52
CA PRO B 101 2.96 -2.33 -25.52
C PRO B 101 2.25 -3.60 -25.09
N THR B 102 0.92 -3.59 -25.21
CA THR B 102 0.13 -4.74 -24.78
C THR B 102 0.61 -6.02 -25.43
N THR B 103 1.04 -5.94 -26.69
CA THR B 103 1.50 -7.13 -27.40
C THR B 103 2.77 -7.70 -26.80
N CYS B 104 3.55 -6.90 -26.08
CA CYS B 104 4.80 -7.34 -25.47
C CYS B 104 4.68 -7.52 -23.96
N ALA B 105 3.51 -7.31 -23.37
CA ALA B 105 3.36 -7.31 -21.92
C ALA B 105 3.64 -8.68 -21.30
N ASN B 106 3.83 -9.72 -22.10
CA ASN B 106 4.21 -11.01 -21.53
C ASN B 106 5.65 -11.05 -21.05
N ASP B 107 6.44 -10.00 -21.31
CA ASP B 107 7.85 -9.96 -20.93
C ASP B 107 8.26 -8.50 -20.77
N PRO B 108 7.77 -7.83 -19.72
CA PRO B 108 8.17 -6.42 -19.52
C PRO B 108 9.66 -6.25 -19.31
N VAL B 109 10.30 -7.13 -18.54
CA VAL B 109 11.74 -7.02 -18.32
C VAL B 109 12.48 -7.09 -19.65
N GLY B 110 12.16 -8.10 -20.45
CA GLY B 110 12.78 -8.21 -21.77
C GLY B 110 12.55 -6.98 -22.62
N PHE B 111 11.33 -6.42 -22.57
CA PHE B 111 11.03 -5.26 -23.40
C PHE B 111 11.88 -4.06 -23.00
N THR B 112 11.87 -3.71 -21.71
CA THR B 112 12.64 -2.55 -21.27
C THR B 112 14.13 -2.73 -21.53
N LEU B 113 14.60 -3.97 -21.47
CA LEU B 113 16.01 -4.23 -21.74
C LEU B 113 16.35 -3.96 -23.21
N LYS B 114 15.52 -4.46 -24.13
CA LYS B 114 15.86 -4.46 -25.55
C LYS B 114 15.54 -3.14 -26.25
N ASN B 115 14.82 -2.23 -25.61
CA ASN B 115 14.29 -1.05 -26.26
C ASN B 115 14.86 0.21 -25.63
N THR B 116 14.62 1.35 -26.30
CA THR B 116 15.21 2.62 -25.93
C THR B 116 14.15 3.71 -25.98
N VAL B 117 14.27 4.67 -25.06
CA VAL B 117 13.34 5.79 -24.95
C VAL B 117 13.92 6.98 -25.72
N CYS B 118 13.09 7.57 -26.58
CA CYS B 118 13.49 8.79 -27.27
C CYS B 118 13.64 9.92 -26.26
N THR B 119 14.84 10.49 -26.18
CA THR B 119 15.09 11.57 -25.21
C THR B 119 14.41 12.88 -25.60
N VAL B 120 13.80 12.95 -26.78
CA VAL B 120 13.11 14.15 -27.21
C VAL B 120 11.65 14.09 -26.75
N CYS B 121 10.89 13.14 -27.29
CA CYS B 121 9.45 13.07 -27.04
C CYS B 121 9.08 12.14 -25.89
N GLY B 122 10.02 11.35 -25.37
CA GLY B 122 9.75 10.47 -24.26
C GLY B 122 9.05 9.18 -24.60
N MET B 123 8.79 8.92 -25.88
CA MET B 123 8.16 7.69 -26.31
C MET B 123 9.21 6.61 -26.59
N TRP B 124 8.76 5.37 -26.62
CA TRP B 124 9.63 4.27 -26.99
C TRP B 124 10.00 4.38 -28.47
N LYS B 125 11.30 4.30 -28.77
CA LYS B 125 11.74 4.24 -30.15
C LYS B 125 11.09 3.06 -30.85
N GLY B 126 10.36 3.33 -31.93
CA GLY B 126 9.68 2.31 -32.68
C GLY B 126 8.38 1.83 -32.08
N TYR B 127 7.96 2.39 -30.94
CA TYR B 127 6.68 2.07 -30.34
C TYR B 127 5.98 3.36 -29.88
N GLY B 128 5.95 4.35 -30.77
CA GLY B 128 5.30 5.61 -30.47
C GLY B 128 6.10 6.83 -30.84
N CYS B 129 7.42 6.67 -30.99
CA CYS B 129 8.27 7.81 -31.33
C CYS B 129 8.15 8.10 -32.83
N SER B 130 7.74 9.32 -33.16
CA SER B 130 7.63 9.76 -34.54
C SER B 130 8.56 10.92 -34.86
N CYS B 131 9.53 11.20 -33.99
CA CYS B 131 10.47 12.29 -34.23
C CYS B 131 11.17 12.14 -35.56
N ASP B 132 11.40 10.91 -36.00
CA ASP B 132 12.18 10.63 -37.21
C ASP B 132 11.30 10.40 -38.43
N GLN B 133 10.09 10.97 -38.44
CA GLN B 133 9.16 10.83 -39.57
C GLN B 133 9.06 12.15 -40.31
N LEU B 134 8.95 12.06 -41.64
CA LEU B 134 8.76 13.23 -42.48
C LEU B 134 8.16 12.81 -43.82
C1 EDO C . 0.19 -11.58 15.28
O1 EDO C . 0.67 -12.34 14.17
C2 EDO C . 1.28 -10.62 15.74
O2 EDO C . 2.56 -11.17 15.40
H11 EDO C . -0.70 -11.02 14.99
H12 EDO C . -0.09 -12.24 16.10
HO1 EDO C . 0.00 -12.98 13.90
H21 EDO C . 1.16 -9.65 15.26
H22 EDO C . 1.21 -10.46 16.82
HO2 EDO C . 3.25 -10.50 15.53
O1 MES D . -14.21 11.28 6.68
C2 MES D . -14.58 11.21 8.05
C3 MES D . -15.69 10.19 8.26
N4 MES D . -16.80 10.52 7.38
C5 MES D . -16.43 10.65 5.96
C6 MES D . -15.30 11.66 5.86
C7 MES D . -17.99 9.69 7.54
C8 MES D . -18.59 10.00 8.91
S MES D . -20.05 9.22 9.09
O1S MES D . -20.03 8.47 10.37
O2S MES D . -20.26 8.27 7.98
O3S MES D . -21.16 10.20 9.14
H21 MES D . -14.91 12.20 8.39
H22 MES D . -13.71 10.93 8.65
H31 MES D . -16.02 10.20 9.30
H32 MES D . -15.33 9.19 8.04
HN4 MES D . -17.05 11.44 7.69
H51 MES D . -16.11 9.67 5.57
H52 MES D . -17.29 10.97 5.38
H61 MES D . -14.98 11.75 4.83
H62 MES D . -15.67 12.65 6.18
H71 MES D . -17.73 8.63 7.46
H72 MES D . -18.72 9.91 6.75
H81 MES D . -17.90 9.68 9.69
H82 MES D . -18.73 11.07 9.01
C1 EDO E . 16.79 8.15 13.54
O1 EDO E . 17.15 6.94 12.89
C2 EDO E . 15.94 7.84 14.78
O2 EDO E . 16.16 6.48 15.19
H11 EDO E . 17.68 8.70 13.83
H12 EDO E . 16.21 8.78 12.85
HO1 EDO E . 17.70 7.13 12.11
H21 EDO E . 16.22 8.51 15.59
H22 EDO E . 14.89 7.99 14.55
HO2 EDO E . 15.56 6.27 15.91
C1 EDO F . -12.13 -20.30 15.35
O1 EDO F . -12.04 -19.47 14.18
C2 EDO F . -11.96 -19.45 16.60
O2 EDO F . -10.71 -19.78 17.22
H11 EDO F . -13.09 -20.80 15.38
H12 EDO F . -11.35 -21.06 15.32
HO1 EDO F . -12.14 -20.02 13.39
H21 EDO F . -12.78 -19.64 17.29
H22 EDO F . -11.97 -18.39 16.35
HO2 EDO F . -10.61 -19.28 18.04
C1 EDO G . -17.85 -10.86 -9.77
O1 EDO G . -16.49 -11.20 -9.50
C2 EDO G . -17.91 -9.59 -10.60
O2 EDO G . -16.87 -8.70 -10.19
H11 EDO G . -18.33 -11.68 -10.31
H12 EDO G . -18.40 -10.71 -8.84
HO1 EDO G . -16.45 -12.04 -9.02
H21 EDO G . -18.87 -9.10 -10.49
H22 EDO G . -17.78 -9.84 -11.67
HO2 EDO G . -16.88 -7.91 -10.75
C1 EDO H . -11.09 -12.26 -18.65
O1 EDO H . -10.22 -11.15 -18.91
C2 EDO H . -11.18 -12.44 -17.13
O2 EDO H . -10.87 -11.19 -16.50
H11 EDO H . -12.07 -12.06 -19.06
H12 EDO H . -10.69 -13.16 -19.11
HO1 EDO H . -9.65 -11.35 -19.68
H21 EDO H . -12.19 -12.77 -16.86
H22 EDO H . -10.47 -13.20 -16.81
HO2 EDO H . -10.84 -11.32 -15.54
C1 EDO I . -4.19 2.92 23.35
O1 EDO I . -4.00 1.50 23.28
C2 EDO I . -3.76 3.44 24.71
O2 EDO I . -4.91 3.96 25.40
H11 EDO I . -3.61 3.41 22.57
H12 EDO I . -5.25 3.16 23.17
HO1 EDO I . -4.25 1.19 22.40
H21 EDO I . -3.32 2.63 25.30
H22 EDO I . -3.01 4.22 24.60
HO2 EDO I . -4.63 4.32 26.26
C1 EDO J . 17.44 -7.38 16.13
O1 EDO J . 17.98 -7.91 14.93
C2 EDO J . 17.81 -5.91 16.19
O2 EDO J . 17.19 -5.35 17.36
H11 EDO J . 17.85 -7.91 17.00
H12 EDO J . 16.36 -7.49 16.14
HO1 EDO J . 17.76 -8.85 14.85
H21 EDO J . 17.45 -5.39 15.30
H22 EDO J . 18.90 -5.79 16.25
HO2 EDO J . 17.40 -4.40 17.41
C1 EDO K . 10.87 15.67 12.03
O1 EDO K . 10.47 16.23 10.78
C2 EDO K . 9.62 15.27 12.81
O2 EDO K . 8.57 14.95 11.90
H11 EDO K . 11.45 16.39 12.60
H12 EDO K . 11.50 14.79 11.85
HO1 EDO K . 11.23 16.30 10.19
H21 EDO K . 9.85 14.40 13.43
H22 EDO K . 9.32 16.08 13.48
HO2 EDO K . 7.74 14.84 12.38
C1 EDO L . 7.78 1.07 20.15
O1 EDO L . 7.02 1.13 18.93
C2 EDO L . 6.82 0.78 21.30
O2 EDO L . 6.25 -0.52 21.15
H11 EDO L . 8.52 0.28 20.08
H12 EDO L . 8.30 2.01 20.31
HO1 EDO L . 7.62 1.33 18.19
H21 EDO L . 7.36 0.84 22.24
H22 EDO L . 6.03 1.54 21.33
HO2 EDO L . 5.67 -0.72 21.90
C1 EDO M . 8.56 -2.38 19.93
O1 EDO M . 7.94 -3.66 19.84
C2 EDO M . 10.07 -2.51 19.92
O2 EDO M . 10.62 -1.62 18.93
H11 EDO M . 8.24 -1.88 20.85
H12 EDO M . 8.24 -1.75 19.10
HO1 EDO M . 6.98 -3.57 19.82
H21 EDO M . 10.35 -3.54 19.68
H22 EDO M . 10.47 -2.27 20.90
HO2 EDO M . 11.59 -1.70 18.93
C1 EDO N . -0.64 -9.68 -19.35
O1 EDO N . -0.02 -8.84 -18.37
C2 EDO N . -2.13 -9.77 -19.02
O2 EDO N . -2.57 -11.13 -19.14
H11 EDO N . -0.50 -9.26 -20.35
H12 EDO N . -0.19 -10.67 -19.33
HO1 EDO N . 0.91 -8.74 -18.57
H21 EDO N . -2.69 -9.15 -19.72
H22 EDO N . -2.31 -9.41 -18.01
HO2 EDO N . -3.39 -11.24 -18.65
C1 EDO O . -6.26 -12.15 3.09
O1 EDO O . -7.38 -12.98 2.76
C2 EDO O . -5.73 -12.53 4.46
O2 EDO O . -4.31 -12.41 4.48
H11 EDO O . -6.56 -11.10 3.08
H12 EDO O . -5.48 -12.27 2.34
HO1 EDO O . -7.60 -12.86 1.83
H21 EDO O . -6.17 -11.88 5.22
H22 EDO O . -6.03 -13.56 4.70
HO2 EDO O . -3.99 -12.55 5.38
C1 EDO P . -6.84 22.70 4.41
O1 EDO P . -7.16 22.24 3.09
C2 EDO P . -5.46 23.35 4.43
O2 EDO P . -4.87 23.14 5.72
H11 EDO P . -6.86 21.86 5.10
H12 EDO P . -7.59 23.43 4.73
HO1 EDO P . -8.00 21.78 3.10
H21 EDO P . -5.55 24.42 4.21
H22 EDO P . -4.83 22.90 3.65
HO2 EDO P . -4.12 23.74 5.82
C1 EDO Q . -23.22 -4.80 2.33
O1 EDO Q . -22.90 -5.24 1.00
C2 EDO Q . -23.10 -5.99 3.28
O2 EDO Q . -24.14 -6.93 3.03
H11 EDO Q . -24.23 -4.40 2.36
H12 EDO Q . -22.53 -4.00 2.64
HO1 EDO Q . -22.47 -4.51 0.52
H21 EDO Q . -22.12 -6.47 3.15
H22 EDO Q . -23.16 -5.63 4.32
HO2 EDO Q . -24.00 -7.73 3.57
C1 EDO R . -23.51 -12.85 -2.61
O1 EDO R . -22.82 -12.21 -3.69
C2 EDO R . -23.35 -12.02 -1.35
O2 EDO R . -24.63 -11.64 -0.84
H11 EDO R . -23.10 -13.85 -2.45
H12 EDO R . -24.57 -12.95 -2.86
HO1 EDO R . -22.93 -12.73 -4.50
H21 EDO R . -22.81 -12.60 -0.59
H22 EDO R . -22.76 -11.12 -1.56
HO2 EDO R . -24.53 -11.09 -0.05
C1 EDO S . -25.92 -3.77 7.07
O1 EDO S . -27.16 -4.37 7.47
C2 EDO S . -26.20 -2.62 6.12
O2 EDO S . -26.14 -1.37 6.81
H11 EDO S . -25.39 -3.39 7.96
H12 EDO S . -25.29 -4.51 6.59
HO1 EDO S . -26.99 -5.09 8.10
H21 EDO S . -27.20 -2.74 5.67
H22 EDO S . -25.48 -2.63 5.29
HO2 EDO S . -26.24 -0.65 6.17
C1 EDO T . -9.20 24.19 24.92
O1 EDO T . -8.71 23.70 26.18
C2 EDO T . -9.67 25.62 25.06
O2 EDO T . -9.96 26.15 23.77
H11 EDO T . -8.39 24.14 24.18
H12 EDO T . -10.02 23.56 24.58
HO1 EDO T . -8.43 22.79 26.08
H21 EDO T . -10.57 25.66 25.69
H22 EDO T . -8.91 26.23 25.55
HO2 EDO T . -10.27 27.07 23.84
C1 EDO U . -23.64 -12.95 21.52
O1 EDO U . -23.32 -11.58 21.77
C2 EDO U . -22.68 -13.53 20.49
O2 EDO U . -22.93 -12.95 19.19
H11 EDO U . -24.66 -13.02 21.15
H12 EDO U . -23.56 -13.52 22.45
HO1 EDO U . -23.97 -11.19 22.37
H21 EDO U . -22.82 -14.62 20.44
H22 EDO U . -21.65 -13.33 20.78
HO2 EDO U . -22.30 -13.31 18.55
C1 EDO V . -18.44 -16.56 -7.12
O1 EDO V . -17.02 -16.75 -7.25
C2 EDO V . -18.88 -15.31 -7.88
O2 EDO V . -18.65 -14.15 -7.08
H11 EDO V . -18.71 -16.46 -6.06
H12 EDO V . -18.97 -17.44 -7.52
HO1 EDO V . -16.77 -17.55 -6.78
H21 EDO V . -19.93 -15.39 -8.14
H22 EDO V . -18.31 -15.24 -8.81
HO2 EDO V . -18.95 -13.37 -7.56
C30 A1IO1 W . -16.63 -22.06 8.96
C26 A1IO1 W . -17.73 -22.68 2.13
C21 A1IO1 W . -16.35 -24.58 3.62
C10 A1IO1 W . -14.62 -19.07 7.01
C13 A1IO1 W . -16.03 -22.45 6.56
C02 A1IO1 W . -12.12 -18.68 7.69
C04 A1IO1 W . -13.16 -21.02 7.37
C06 A1IO1 W . -14.47 -20.42 7.02
C08 A1IO1 W . -16.53 -19.96 6.47
C12 A1IO1 W . -13.71 -16.73 7.30
C14 A1IO1 W . -16.85 -22.96 7.76
C16 A1IO1 W . -18.38 -23.06 7.51
C17 A1IO1 W . -18.85 -24.15 6.54
C19 A1IO1 W . -17.82 -24.85 5.68
C23 A1IO1 W . -15.44 -23.77 2.70
C25 A1IO1 W . -16.21 -22.86 1.75
C29 A1IO1 W . -16.72 -22.59 5.20
C31 A1IO1 W . -10.78 -20.80 8.01
N03 A1IO1 W . -12.02 -20.18 7.69
N07 A1IO1 W . -15.68 -20.96 6.69
N09 A1IO1 W . -15.91 -18.82 6.66
N11 A1IO1 W . -13.48 -18.16 7.33
N20 A1IO1 W . -16.96 -24.00 4.82
N24 A1IO1 W . -14.63 -24.67 1.89
O01 A1IO1 W . -11.20 -17.97 7.95
O05 A1IO1 W . -13.03 -22.21 7.37
O15 A1IO1 W . -16.36 -24.23 8.10
O18 A1IO1 W . -19.49 -25.16 7.34
O22 A1IO1 W . -16.57 -25.79 3.35
O27 A1IO1 W . -18.55 -23.62 1.92
O28 A1IO1 W . -18.12 -21.59 2.63
H301 A1IO1 W . -15.58 -21.82 9.04
H302 A1IO1 W . -16.95 -22.57 9.85
H303 A1IO1 W . -17.19 -21.15 8.83
H131 A1IO1 W . -15.14 -23.03 6.59
H081 A1IO1 W . -17.57 -20.08 6.18
H123 A1IO1 W . -14.72 -16.52 7.59
H122 A1IO1 W . -13.54 -16.37 6.29
H121 A1IO1 W . -13.04 -16.25 7.97
H161 A1IO1 W . -18.86 -23.24 8.46
H162 A1IO1 W . -18.71 -22.11 7.12
H171 A1IO1 W . -19.53 -23.65 5.84
H192 A1IO1 W . -18.35 -25.56 5.02
H191 A1IO1 W . -17.15 -25.41 6.35
H231 A1IO1 W . -14.82 -23.14 3.33
H251 A1IO1 W . -16.16 -23.27 0.75
H252 A1IO1 W . -15.75 -21.88 1.75
H292 A1IO1 W . -17.67 -22.08 5.26
H291 A1IO1 W . -16.11 -22.13 4.46
H312 A1IO1 W . -10.13 -20.08 8.53
H313 A1IO1 W . -10.29 -21.15 7.09
H311 A1IO1 W . -10.97 -21.66 8.68
H242 A1IO1 W . -13.97 -25.13 2.48
H151 A1IO1 W . -15.62 -24.14 8.67
H181 A1IO1 W . -20.45 -25.23 7.11
H241 A1IO1 W . -14.15 -24.15 1.21
N SAM X . 1.53 -6.15 1.21
CA SAM X . 2.15 -7.23 0.48
C SAM X . 1.76 -7.13 -1.01
O SAM X . 1.17 -6.10 -1.44
OXT SAM X . 2.02 -8.08 -1.80
CB SAM X . 1.74 -8.56 1.07
CG SAM X . 2.17 -8.59 2.56
SD SAM X . 2.33 -10.23 3.18
CE SAM X . 1.10 -11.26 2.60
C5' SAM X . 2.24 -10.18 4.88
C4' SAM X . 3.58 -9.69 5.38
O4' SAM X . 3.55 -9.40 6.64
C3' SAM X . 4.72 -10.91 5.24
O3' SAM X . 5.69 -10.61 4.16
C2' SAM X . 5.33 -10.94 6.32
O2' SAM X . 6.80 -11.12 6.12
C1' SAM X . 5.04 -9.50 6.93
N9 SAM X . 5.39 -9.36 8.21
C8 SAM X . 4.51 -10.06 8.89
N7 SAM X . 4.83 -9.96 10.20
C5 SAM X . 5.90 -9.16 10.31
C6 SAM X . 6.65 -8.72 11.41
N6 SAM X . 6.60 -8.88 12.87
N1 SAM X . 7.69 -7.93 11.22
C2 SAM X . 8.04 -7.54 9.96
N3 SAM X . 7.31 -7.98 8.89
C4 SAM X . 6.26 -8.79 9.08
HN1 SAM X . 1.67 -5.29 0.71
HN2 SAM X . 0.57 -6.34 1.30
HA SAM X . 3.23 -7.16 0.55
HB1 SAM X . 0.66 -8.68 1.01
HB2 SAM X . 2.22 -9.37 0.54
HG1 SAM X . 1.42 -8.05 3.15
HG2 SAM X . 3.15 -8.07 2.64
HE1 SAM X . 0.20 -10.69 2.43
HE2 SAM X . 1.42 -11.69 1.66
HE3 SAM X . 0.92 -12.04 3.31
H5'1 SAM X . 2.04 -11.17 5.27
H5'2 SAM X . 1.47 -9.51 5.18
H4' SAM X . 3.88 -8.79 4.81
H3' SAM X . 4.21 -11.84 5.05
HO3' SAM X . 5.75 -11.36 3.59
H2' SAM X . 4.95 -11.75 6.96
HO2' SAM X . 7.05 -12.03 6.34
H1' SAM X . 5.59 -8.70 6.44
H8 SAM X . 3.69 -10.63 8.48
HN61 SAM X . 6.96 -8.15 13.46
HN62 SAM X . 6.21 -9.71 13.28
H2 SAM X . 8.90 -6.89 9.80
CL CL Y . -16.91 -0.63 22.65
CL CL Z . 2.50 17.49 19.68
C1 EDO AA . -0.35 14.16 21.75
O1 EDO AA . -0.23 12.86 22.33
C2 EDO AA . 0.98 14.56 21.11
O2 EDO AA . 1.26 13.70 20.02
H11 EDO AA . -0.62 14.88 22.52
H12 EDO AA . -1.14 14.16 20.99
HO1 EDO AA . -1.07 12.61 22.75
H21 EDO AA . 0.93 15.59 20.78
H22 EDO AA . 1.78 14.49 21.86
HO2 EDO AA . 2.09 13.96 19.60
ZN ZN BA . 16.51 -1.22 -11.29
ZN ZN CA . 10.81 10.82 -30.27
C1 EDO DA . 16.22 1.43 -21.59
O1 EDO DA . 16.53 0.09 -22.00
C2 EDO DA . 15.17 1.40 -20.49
O2 EDO DA . 15.81 1.26 -19.22
H11 EDO DA . 17.12 1.94 -21.24
H12 EDO DA . 15.83 1.99 -22.45
HO1 EDO DA . 17.15 0.13 -22.74
H21 EDO DA . 14.48 0.56 -20.66
H22 EDO DA . 14.58 2.32 -20.50
HO2 EDO DA . 15.15 1.27 -18.52
C1 EDO EA . 7.45 -9.99 -25.57
O1 EDO EA . 7.72 -11.33 -26.00
C2 EDO EA . 8.69 -9.12 -25.80
O2 EDO EA . 8.74 -8.09 -24.81
H11 EDO EA . 6.60 -9.58 -26.14
H12 EDO EA . 7.18 -9.98 -24.52
HO1 EDO EA . 6.89 -11.83 -26.02
H21 EDO EA . 9.58 -9.74 -25.75
H22 EDO EA . 8.65 -8.67 -26.80
HO2 EDO EA . 9.54 -7.55 -24.95
CL CL FA . 13.97 -13.40 -11.24
#